data_1XUQ
#
_entry.id   1XUQ
#
_cell.length_a   60.881
_cell.length_b   60.439
_cell.length_c   61.981
_cell.angle_alpha   90.00
_cell.angle_beta   106.30
_cell.angle_gamma   90.00
#
_symmetry.space_group_name_H-M   'P 1 21 1'
#
loop_
_entity.id
_entity.type
_entity.pdbx_description
1 polymer 'Superoxide dismutase'
2 non-polymer 'MANGANESE (II) ION'
3 water water
#
_entity_poly.entity_id   1
_entity_poly.type   'polypeptide(L)'
_entity_poly.pdbx_seq_one_letter_code
;GSSHHHHHHMAKHELPNLPYAYDALEPHFDKETMNIHHTKHHNTYITNLNAALEGHAELADKSVEELVANLNEVPEAIRT
AVRNNGGGHANHTFFWTILSPNGGGQPVGELATAIEAKFGSFDAFKEEFAKAGATRFGSGWAWLVVNNGELEVTSTPNQD
SPLTEGKTPVIGLDVWEHAYYLNYQNRRPDYIGAFWNVVDWNAAEKRYQEAK
;
_entity_poly.pdbx_strand_id   A,B
#
# COMPACT_ATOMS: atom_id res chain seq x y z
N LYS A 12 -12.39 18.02 -17.21
CA LYS A 12 -12.49 17.10 -18.37
C LYS A 12 -12.85 15.67 -17.95
N HIS A 13 -11.97 15.00 -17.21
CA HIS A 13 -12.27 13.60 -16.82
C HIS A 13 -13.34 13.58 -15.74
N GLU A 14 -14.27 12.62 -15.83
CA GLU A 14 -15.46 12.58 -14.97
C GLU A 14 -15.55 11.20 -14.32
N LEU A 15 -16.10 11.16 -13.12
CA LEU A 15 -16.33 9.88 -12.45
C LEU A 15 -17.48 9.12 -13.11
N PRO A 16 -17.21 7.92 -13.60
CA PRO A 16 -18.31 7.10 -14.18
C PRO A 16 -19.27 6.57 -13.08
N ASN A 17 -20.57 6.53 -13.36
CA ASN A 17 -21.46 5.87 -12.45
C ASN A 17 -21.14 4.38 -12.45
N LEU A 18 -21.39 3.74 -11.32
CA LEU A 18 -21.33 2.28 -11.24
C LEU A 18 -22.39 1.66 -12.15
N PRO A 19 -22.12 0.48 -12.70
CA PRO A 19 -23.17 -0.23 -13.47
C PRO A 19 -24.26 -0.89 -12.63
N TYR A 20 -24.21 -0.79 -11.31
CA TYR A 20 -25.10 -1.55 -10.43
C TYR A 20 -25.18 -0.72 -9.15
N ALA A 21 -26.13 -1.06 -8.29
CA ALA A 21 -26.29 -0.41 -7.00
C ALA A 21 -25.09 -0.64 -6.07
N TYR A 22 -24.93 0.25 -5.08
CA TYR A 22 -23.77 0.14 -4.17
C TYR A 22 -23.74 -1.13 -3.31
N ASP A 23 -24.94 -1.66 -3.04
CA ASP A 23 -25.06 -2.96 -2.33
C ASP A 23 -25.22 -4.22 -3.20
N ALA A 24 -25.02 -4.07 -4.51
CA ALA A 24 -25.30 -5.16 -5.44
C ALA A 24 -24.28 -6.30 -5.36
N LEU A 25 -23.07 -6.04 -4.85
CA LEU A 25 -22.08 -7.08 -4.66
C LEU A 25 -22.00 -7.72 -3.28
N GLU A 26 -22.96 -7.45 -2.42
CA GLU A 26 -23.00 -8.07 -1.11
C GLU A 26 -23.33 -9.58 -1.24
N PRO A 27 -22.82 -10.44 -0.32
CA PRO A 27 -21.95 -10.16 0.81
C PRO A 27 -20.47 -10.12 0.44
N HIS A 28 -20.16 -10.20 -0.84
CA HIS A 28 -18.74 -10.39 -1.23
C HIS A 28 -17.89 -9.13 -1.07
N PHE A 29 -18.38 -8.03 -1.67
CA PHE A 29 -17.85 -6.69 -1.49
C PHE A 29 -18.92 -5.85 -0.77
N ASP A 30 -18.59 -5.30 0.40
CA ASP A 30 -19.56 -4.58 1.28
C ASP A 30 -19.92 -3.22 0.63
N LYS A 31 -21.12 -2.76 0.90
CA LYS A 31 -21.63 -1.50 0.34
C LYS A 31 -20.90 -0.28 0.90
N GLU A 32 -20.37 -0.36 2.10
CA GLU A 32 -19.66 0.78 2.68
C GLU A 32 -18.35 1.02 1.89
N THR A 33 -17.66 -0.06 1.58
CA THR A 33 -16.43 -0.03 0.77
C THR A 33 -16.78 0.45 -0.66
N MET A 34 -17.81 -0.12 -1.27
CA MET A 34 -18.18 0.34 -2.63
C MET A 34 -18.38 1.85 -2.67
N ASN A 35 -19.09 2.40 -1.70
CA ASN A 35 -19.25 3.88 -1.51
C ASN A 35 -17.93 4.64 -1.42
N ILE A 36 -17.16 4.32 -0.38
CA ILE A 36 -15.93 5.06 -0.15
C ILE A 36 -14.88 4.86 -1.32
N HIS A 37 -14.77 3.62 -1.80
CA HIS A 37 -13.83 3.30 -2.88
C HIS A 37 -14.16 4.11 -4.19
N HIS A 38 -15.42 4.17 -4.50
CA HIS A 38 -15.90 4.86 -5.77
C HIS A 38 -15.92 6.37 -5.53
N THR A 39 -16.62 6.81 -4.49
CA THR A 39 -16.91 8.27 -4.38
C THR A 39 -15.83 9.08 -3.68
N LYS A 40 -14.87 8.42 -3.02
CA LYS A 40 -13.76 9.10 -2.39
CA LYS A 40 -13.76 9.11 -2.39
C LYS A 40 -12.46 8.77 -3.11
N HIS A 41 -12.08 7.49 -3.12
CA HIS A 41 -10.81 7.13 -3.72
C HIS A 41 -10.75 7.43 -5.22
N HIS A 42 -11.65 6.88 -6.00
CA HIS A 42 -11.64 7.03 -7.46
C HIS A 42 -11.83 8.53 -7.85
N ASN A 43 -12.84 9.17 -7.28
CA ASN A 43 -13.02 10.62 -7.42
C ASN A 43 -11.77 11.45 -7.15
N THR A 44 -11.00 11.09 -6.13
CA THR A 44 -9.80 11.83 -5.82
C THR A 44 -8.70 11.67 -6.86
N TYR A 45 -8.54 10.46 -7.42
CA TYR A 45 -7.63 10.27 -8.58
C TYR A 45 -8.02 11.20 -9.77
N ILE A 46 -9.31 11.32 -10.00
CA ILE A 46 -9.83 12.16 -11.09
C ILE A 46 -9.56 13.65 -10.83
N THR A 47 -9.79 14.12 -9.59
CA THR A 47 -9.47 15.51 -9.20
C THR A 47 -7.99 15.80 -9.43
N ASN A 48 -7.16 14.93 -8.93
CA ASN A 48 -5.75 15.10 -9.04
C ASN A 48 -5.24 15.04 -10.48
N LEU A 49 -5.85 14.19 -11.31
CA LEU A 49 -5.54 14.08 -12.74
C LEU A 49 -5.90 15.37 -13.47
N ASN A 50 -7.12 15.85 -13.26
CA ASN A 50 -7.55 17.10 -13.86
C ASN A 50 -6.64 18.29 -13.44
N ALA A 51 -6.28 18.39 -12.16
CA ALA A 51 -5.36 19.43 -11.71
C ALA A 51 -4.04 19.37 -12.48
N ALA A 52 -3.51 18.16 -12.64
CA ALA A 52 -2.23 17.93 -13.32
C ALA A 52 -2.26 18.32 -14.81
N LEU A 53 -3.41 18.14 -15.46
CA LEU A 53 -3.51 18.40 -16.90
C LEU A 53 -3.87 19.85 -17.22
N GLU A 54 -4.11 20.66 -16.20
CA GLU A 54 -4.30 22.11 -16.39
C GLU A 54 -3.07 22.64 -17.10
N GLY A 55 -3.28 23.18 -18.28
CA GLY A 55 -2.19 23.77 -19.05
C GLY A 55 -1.62 22.86 -20.12
N HIS A 56 -2.25 21.70 -20.33
CA HIS A 56 -1.81 20.74 -21.36
C HIS A 56 -2.99 20.27 -22.22
N ALA A 57 -3.33 21.05 -23.24
CA ALA A 57 -4.47 20.76 -24.12
C ALA A 57 -4.30 19.44 -24.92
N GLU A 58 -3.14 19.31 -25.54
CA GLU A 58 -2.66 18.04 -26.11
C GLU A 58 -3.24 16.83 -25.36
N LEU A 59 -2.97 16.79 -24.05
CA LEU A 59 -3.27 15.62 -23.24
C LEU A 59 -4.76 15.51 -22.91
N ALA A 60 -5.35 16.62 -22.49
CA ALA A 60 -6.75 16.63 -22.02
C ALA A 60 -7.77 16.38 -23.16
N ASP A 61 -7.27 16.07 -24.35
CA ASP A 61 -8.11 15.51 -25.40
C ASP A 61 -8.00 13.96 -25.44
N LYS A 62 -6.96 13.40 -24.80
CA LYS A 62 -6.77 11.95 -24.80
C LYS A 62 -7.67 11.22 -23.79
N SER A 63 -8.04 9.99 -24.14
CA SER A 63 -8.70 9.09 -23.18
C SER A 63 -7.72 8.82 -22.07
N VAL A 64 -8.20 8.37 -20.92
CA VAL A 64 -7.24 8.12 -19.85
C VAL A 64 -6.40 6.89 -20.20
N GLU A 65 -6.99 5.96 -20.94
CA GLU A 65 -6.29 4.77 -21.36
C GLU A 65 -5.15 5.09 -22.37
N GLU A 66 -5.43 6.01 -23.31
CA GLU A 66 -4.38 6.55 -24.16
C GLU A 66 -3.25 7.26 -23.36
N LEU A 67 -3.63 8.04 -22.36
CA LEU A 67 -2.63 8.72 -21.56
C LEU A 67 -1.65 7.77 -20.84
N VAL A 68 -2.23 6.75 -20.22
CA VAL A 68 -1.48 5.78 -19.44
C VAL A 68 -0.70 4.79 -20.34
N ALA A 69 -1.22 4.50 -21.54
CA ALA A 69 -0.46 3.63 -22.47
C ALA A 69 0.86 4.28 -22.92
N ASN A 70 0.84 5.59 -23.08
CA ASN A 70 1.94 6.39 -23.66
C ASN A 70 2.45 7.35 -22.63
N LEU A 71 2.72 6.81 -21.46
CA LEU A 71 3.11 7.62 -20.31
C LEU A 71 4.43 8.36 -20.59
N ASN A 72 5.29 7.71 -21.39
CA ASN A 72 6.57 8.31 -21.79
C ASN A 72 6.45 9.65 -22.52
N GLU A 73 5.32 9.87 -23.22
CA GLU A 73 5.04 11.15 -23.91
C GLU A 73 4.47 12.24 -22.99
N VAL A 74 4.31 11.91 -21.71
CA VAL A 74 3.85 12.91 -20.77
C VAL A 74 5.07 13.72 -20.34
N PRO A 75 4.96 15.07 -20.38
CA PRO A 75 6.04 15.92 -19.92
C PRO A 75 6.48 15.53 -18.52
N GLU A 76 7.79 15.57 -18.31
CA GLU A 76 8.36 15.09 -17.08
C GLU A 76 7.73 15.76 -15.86
N ALA A 77 7.45 17.06 -15.95
CA ALA A 77 6.99 17.80 -14.77
C ALA A 77 5.67 17.24 -14.20
N ILE A 78 4.84 16.65 -15.06
CA ILE A 78 3.55 16.06 -14.61
C ILE A 78 3.48 14.52 -14.75
N ARG A 79 4.56 13.86 -15.16
CA ARG A 79 4.49 12.44 -15.45
C ARG A 79 4.13 11.56 -14.23
N THR A 80 4.74 11.81 -13.07
CA THR A 80 4.44 11.04 -11.85
C THR A 80 2.98 11.20 -11.46
N ALA A 81 2.47 12.43 -11.54
CA ALA A 81 1.07 12.71 -11.25
C ALA A 81 0.12 11.97 -12.20
N VAL A 82 0.48 11.90 -13.47
CA VAL A 82 -0.34 11.21 -14.49
C VAL A 82 -0.23 9.71 -14.35
N ARG A 83 0.98 9.21 -14.07
CA ARG A 83 1.14 7.81 -13.75
C ARG A 83 0.22 7.36 -12.58
N ASN A 84 0.19 8.13 -11.49
CA ASN A 84 -0.41 7.65 -10.26
C ASN A 84 -1.95 7.86 -10.34
N ASN A 85 -2.36 9.05 -10.76
CA ASN A 85 -3.77 9.44 -10.82
C ASN A 85 -4.47 9.03 -12.10
N GLY A 86 -3.74 9.12 -13.23
CA GLY A 86 -4.17 8.55 -14.50
C GLY A 86 -4.31 7.03 -14.36
N GLY A 87 -3.32 6.41 -13.74
CA GLY A 87 -3.35 4.99 -13.45
C GLY A 87 -4.56 4.64 -12.59
N GLY A 88 -4.76 5.41 -11.51
CA GLY A 88 -5.89 5.16 -10.63
C GLY A 88 -7.21 5.29 -11.35
N HIS A 89 -7.35 6.30 -12.20
CA HIS A 89 -8.63 6.49 -12.90
C HIS A 89 -8.91 5.36 -13.93
N ALA A 90 -7.91 5.03 -14.75
CA ALA A 90 -8.02 3.96 -15.73
C ALA A 90 -8.26 2.61 -15.05
N ASN A 91 -7.47 2.30 -14.01
CA ASN A 91 -7.62 1.02 -13.30
C ASN A 91 -9.01 0.83 -12.65
N HIS A 92 -9.49 1.86 -11.93
CA HIS A 92 -10.81 1.79 -11.29
C HIS A 92 -11.98 1.82 -12.27
N THR A 93 -11.93 2.67 -13.29
CA THR A 93 -12.91 2.62 -14.40
C THR A 93 -13.07 1.17 -14.94
N PHE A 94 -11.95 0.53 -15.25
CA PHE A 94 -11.94 -0.85 -15.70
C PHE A 94 -12.57 -1.81 -14.68
N PHE A 95 -12.17 -1.68 -13.42
CA PHE A 95 -12.57 -2.57 -12.32
C PHE A 95 -14.12 -2.62 -12.16
N TRP A 96 -14.76 -1.47 -12.16
CA TRP A 96 -16.20 -1.45 -11.94
C TRP A 96 -16.93 -2.25 -13.02
N THR A 97 -16.39 -2.23 -14.25
CA THR A 97 -16.96 -2.88 -15.44
C THR A 97 -16.78 -4.41 -15.55
N ILE A 98 -15.91 -4.98 -14.71
CA ILE A 98 -15.67 -6.43 -14.71
C ILE A 98 -16.23 -7.16 -13.48
N LEU A 99 -17.16 -6.49 -12.81
CA LEU A 99 -17.87 -6.98 -11.65
C LEU A 99 -19.34 -6.91 -11.96
N SER A 100 -20.13 -7.75 -11.32
CA SER A 100 -21.59 -7.79 -11.57
C SER A 100 -22.31 -8.57 -10.49
N PRO A 101 -23.53 -8.14 -10.15
CA PRO A 101 -24.31 -9.05 -9.29
C PRO A 101 -24.75 -10.36 -10.05
N ASN A 102 -24.70 -10.32 -11.38
CA ASN A 102 -24.90 -11.53 -12.24
C ASN A 102 -23.56 -12.18 -12.64
N GLY A 103 -22.53 -11.94 -11.84
CA GLY A 103 -21.22 -12.44 -12.10
C GLY A 103 -21.02 -13.79 -11.46
N GLY A 104 -19.76 -14.17 -11.36
CA GLY A 104 -19.38 -15.45 -10.78
C GLY A 104 -19.48 -16.60 -11.77
N GLY A 105 -19.30 -17.80 -11.24
CA GLY A 105 -19.32 -19.02 -12.05
C GLY A 105 -18.11 -19.24 -12.96
N GLN A 106 -18.28 -20.11 -13.95
CA GLN A 106 -17.22 -20.51 -14.89
C GLN A 106 -17.00 -19.48 -16.02
N PRO A 107 -15.77 -19.39 -16.54
CA PRO A 107 -15.57 -18.56 -17.72
C PRO A 107 -16.42 -19.07 -18.87
N VAL A 108 -16.72 -18.16 -19.79
CA VAL A 108 -17.52 -18.42 -20.99
C VAL A 108 -16.77 -18.05 -22.31
N GLY A 109 -17.33 -18.49 -23.45
CA GLY A 109 -16.87 -17.98 -24.74
C GLY A 109 -15.49 -18.46 -25.14
N GLU A 110 -14.86 -17.72 -26.06
CA GLU A 110 -13.50 -18.04 -26.49
C GLU A 110 -12.45 -17.89 -25.39
N LEU A 111 -12.72 -16.98 -24.45
CA LEU A 111 -11.84 -16.79 -23.29
C LEU A 111 -11.76 -18.08 -22.46
N ALA A 112 -12.89 -18.73 -22.21
CA ALA A 112 -12.89 -19.99 -21.45
C ALA A 112 -11.94 -21.04 -22.05
N THR A 113 -11.99 -21.16 -23.37
CA THR A 113 -11.16 -22.14 -24.10
C THR A 113 -9.68 -21.77 -24.01
N ALA A 114 -9.40 -20.48 -24.17
CA ALA A 114 -8.04 -19.99 -24.06
C ALA A 114 -7.44 -20.17 -22.66
N ILE A 115 -8.22 -19.92 -21.61
CA ILE A 115 -7.80 -20.20 -20.22
C ILE A 115 -7.48 -21.67 -19.99
N GLU A 116 -8.36 -22.56 -20.43
CA GLU A 116 -8.07 -24.01 -20.35
C GLU A 116 -6.78 -24.41 -21.05
N ALA A 117 -6.58 -23.94 -22.28
CA ALA A 117 -5.35 -24.23 -23.04
C ALA A 117 -4.09 -23.70 -22.37
N LYS A 118 -4.12 -22.43 -21.94
CA LYS A 118 -2.97 -21.78 -21.29
C LYS A 118 -2.64 -22.31 -19.90
N PHE A 119 -3.66 -22.51 -19.08
CA PHE A 119 -3.47 -22.80 -17.66
C PHE A 119 -3.80 -24.21 -17.30
N GLY A 120 -4.38 -24.95 -18.24
CA GLY A 120 -4.77 -26.34 -17.98
C GLY A 120 -6.22 -26.50 -17.58
N SER A 121 -6.67 -25.69 -16.63
CA SER A 121 -8.06 -25.68 -16.18
C SER A 121 -8.34 -24.31 -15.59
N PHE A 122 -9.62 -24.04 -15.39
CA PHE A 122 -10.04 -22.79 -14.69
C PHE A 122 -9.51 -22.78 -13.27
N ASP A 123 -9.65 -23.90 -12.56
CA ASP A 123 -9.14 -23.96 -11.19
C ASP A 123 -7.66 -23.66 -11.08
N ALA A 124 -6.88 -24.13 -12.06
CA ALA A 124 -5.43 -23.89 -12.03
C ALA A 124 -5.15 -22.38 -12.23
N PHE A 125 -5.92 -21.79 -13.15
CA PHE A 125 -5.88 -20.36 -13.43
C PHE A 125 -6.17 -19.58 -12.14
N LYS A 126 -7.25 -19.91 -11.44
CA LYS A 126 -7.61 -19.20 -10.19
C LYS A 126 -6.48 -19.29 -9.17
N GLU A 127 -5.88 -20.44 -9.02
CA GLU A 127 -4.73 -20.60 -8.12
C GLU A 127 -3.54 -19.68 -8.46
N GLU A 128 -3.22 -19.60 -9.73
CA GLU A 128 -2.11 -18.75 -10.17
C GLU A 128 -2.44 -17.27 -9.95
N PHE A 129 -3.67 -16.87 -10.28
CA PHE A 129 -4.16 -15.47 -10.06
C PHE A 129 -4.14 -15.11 -8.55
N ALA A 130 -4.62 -16.04 -7.74
CA ALA A 130 -4.67 -15.90 -6.28
C ALA A 130 -3.28 -15.72 -5.68
N LYS A 131 -2.32 -16.49 -6.20
CA LYS A 131 -0.93 -16.34 -5.82
C LYS A 131 -0.30 -15.02 -6.20
N ALA A 132 -0.57 -14.53 -7.42
CA ALA A 132 -0.12 -13.22 -7.85
C ALA A 132 -0.67 -12.13 -6.93
N GLY A 133 -1.94 -12.24 -6.59
CA GLY A 133 -2.58 -11.26 -5.72
C GLY A 133 -2.01 -11.29 -4.32
N ALA A 134 -1.86 -12.50 -3.78
CA ALA A 134 -1.38 -12.62 -2.39
C ALA A 134 0.03 -12.11 -2.24
N THR A 135 0.85 -12.34 -3.27
CA THR A 135 2.29 -12.02 -3.21
C THR A 135 2.66 -10.60 -3.65
N ARG A 136 1.68 -9.82 -4.09
CA ARG A 136 1.96 -8.42 -4.45
C ARG A 136 2.17 -7.68 -3.13
N PHE A 137 3.43 -7.43 -2.81
CA PHE A 137 3.77 -6.82 -1.47
C PHE A 137 3.55 -5.30 -1.49
N GLY A 138 2.72 -4.81 -0.57
CA GLY A 138 2.31 -3.41 -0.53
C GLY A 138 1.04 -3.25 -1.36
N SER A 139 0.93 -2.13 -2.04
CA SER A 139 -0.26 -1.77 -2.77
C SER A 139 -0.11 -2.19 -4.24
N GLY A 140 -1.22 -2.63 -4.83
CA GLY A 140 -1.28 -2.89 -6.24
C GLY A 140 -2.51 -3.62 -6.77
N TRP A 141 -2.29 -4.28 -7.91
CA TRP A 141 -3.33 -4.94 -8.71
C TRP A 141 -2.84 -6.30 -9.21
N ALA A 142 -3.77 -7.25 -9.27
CA ALA A 142 -3.53 -8.54 -9.93
C ALA A 142 -4.38 -8.57 -11.21
N TRP A 143 -3.82 -9.16 -12.29
CA TRP A 143 -4.38 -9.09 -13.65
C TRP A 143 -4.28 -10.43 -14.42
N LEU A 144 -5.26 -10.60 -15.29
CA LEU A 144 -5.17 -11.50 -16.44
C LEU A 144 -5.17 -10.60 -17.64
N VAL A 145 -4.10 -10.69 -18.43
CA VAL A 145 -3.92 -9.84 -19.53
C VAL A 145 -3.69 -10.71 -20.79
N VAL A 146 -3.89 -10.05 -21.93
CA VAL A 146 -3.42 -10.50 -23.24
C VAL A 146 -2.13 -9.75 -23.60
N ASN A 147 -1.05 -10.51 -23.77
CA ASN A 147 0.24 -9.99 -24.17
C ASN A 147 0.58 -10.53 -25.58
N ASN A 148 0.31 -9.73 -26.59
CA ASN A 148 0.59 -10.11 -27.98
C ASN A 148 -0.07 -11.42 -28.32
N GLY A 149 -1.37 -11.49 -28.06
CA GLY A 149 -2.20 -12.66 -28.33
C GLY A 149 -2.16 -13.81 -27.31
N GLU A 150 -1.35 -13.68 -26.28
CA GLU A 150 -1.17 -14.73 -25.28
C GLU A 150 -1.64 -14.33 -23.86
N LEU A 151 -2.41 -15.21 -23.18
CA LEU A 151 -2.86 -14.96 -21.82
C LEU A 151 -1.71 -15.07 -20.82
N GLU A 152 -1.63 -14.09 -19.93
CA GLU A 152 -0.67 -14.16 -18.85
C GLU A 152 -1.27 -13.52 -17.58
N VAL A 153 -0.92 -14.10 -16.43
CA VAL A 153 -1.24 -13.56 -15.08
C VAL A 153 -0.08 -12.68 -14.60
N THR A 154 -0.41 -11.45 -14.20
CA THR A 154 0.64 -10.52 -13.73
C THR A 154 0.12 -9.74 -12.54
N SER A 155 1.04 -8.98 -11.92
CA SER A 155 0.69 -8.00 -10.89
C SER A 155 1.50 -6.73 -11.11
N THR A 156 0.93 -5.59 -10.72
CA THR A 156 1.54 -4.26 -10.89
C THR A 156 1.49 -3.54 -9.54
N PRO A 157 2.53 -2.72 -9.26
CA PRO A 157 2.58 -1.94 -8.00
C PRO A 157 1.73 -0.69 -8.11
N ASN A 158 1.16 -0.24 -6.98
CA ASN A 158 0.47 1.04 -6.88
C ASN A 158 -0.63 1.19 -7.94
N GLN A 159 -0.62 2.24 -8.76
CA GLN A 159 -1.60 2.36 -9.86
C GLN A 159 -1.00 2.15 -11.27
N ASP A 160 0.16 1.48 -11.36
CA ASP A 160 0.78 1.14 -12.64
C ASP A 160 -0.20 0.23 -13.40
N SER A 161 -0.34 0.50 -14.70
CA SER A 161 -1.25 -0.23 -15.57
C SER A 161 -0.47 -1.12 -16.57
N PRO A 162 -0.96 -2.34 -16.84
CA PRO A 162 -0.45 -3.23 -17.91
C PRO A 162 -0.41 -2.54 -19.28
N LEU A 163 -1.38 -1.66 -19.54
CA LEU A 163 -1.45 -0.84 -20.77
C LEU A 163 -0.13 -0.15 -21.11
N THR A 164 0.61 0.26 -20.05
CA THR A 164 1.85 1.02 -20.21
C THR A 164 2.91 0.12 -20.82
N GLU A 165 2.79 -1.19 -20.61
CA GLU A 165 3.69 -2.19 -21.16
C GLU A 165 3.06 -2.88 -22.40
N GLY A 166 2.06 -2.26 -23.03
CA GLY A 166 1.40 -2.84 -24.21
C GLY A 166 0.68 -4.16 -23.97
N LYS A 167 0.19 -4.37 -22.76
CA LYS A 167 -0.64 -5.52 -22.45
C LYS A 167 -2.04 -5.07 -22.13
N THR A 168 -3.04 -5.85 -22.55
CA THR A 168 -4.44 -5.51 -22.43
C THR A 168 -5.14 -6.31 -21.29
N PRO A 169 -5.64 -5.61 -20.27
CA PRO A 169 -6.37 -6.26 -19.20
C PRO A 169 -7.67 -6.96 -19.67
N VAL A 170 -7.84 -8.18 -19.19
CA VAL A 170 -9.07 -8.96 -19.39
C VAL A 170 -9.91 -9.00 -18.09
N ILE A 171 -9.27 -9.41 -16.99
CA ILE A 171 -9.81 -9.16 -15.65
C ILE A 171 -8.70 -8.60 -14.75
N GLY A 172 -9.14 -7.97 -13.66
CA GLY A 172 -8.22 -7.48 -12.62
C GLY A 172 -8.90 -7.27 -11.29
N LEU A 173 -8.07 -7.27 -10.24
CA LEU A 173 -8.51 -7.16 -8.85
C LEU A 173 -7.60 -6.20 -8.10
N ASP A 174 -8.22 -5.20 -7.50
CA ASP A 174 -7.58 -4.16 -6.65
C ASP A 174 -7.19 -4.85 -5.33
N VAL A 175 -5.88 -4.90 -5.07
CA VAL A 175 -5.33 -5.40 -3.82
C VAL A 175 -4.70 -4.34 -2.89
N TRP A 176 -4.98 -3.06 -3.13
CA TRP A 176 -4.82 -2.04 -2.10
C TRP A 176 -5.69 -2.41 -0.91
N GLU A 177 -5.14 -2.20 0.27
CA GLU A 177 -5.89 -2.56 1.50
C GLU A 177 -7.23 -1.84 1.60
N HIS A 178 -7.36 -0.63 1.05
CA HIS A 178 -8.71 0.07 1.07
C HIS A 178 -9.85 -0.72 0.40
N ALA A 179 -9.48 -1.56 -0.56
CA ALA A 179 -10.44 -2.36 -1.34
C ALA A 179 -11.08 -3.49 -0.52
N TYR A 180 -10.41 -3.88 0.58
CA TYR A 180 -10.78 -5.07 1.35
C TYR A 180 -10.75 -5.00 2.93
N TYR A 181 -10.11 -3.97 3.49
CA TYR A 181 -9.82 -3.92 4.94
C TYR A 181 -11.13 -3.90 5.82
N LEU A 182 -12.17 -3.19 5.36
CA LEU A 182 -13.43 -3.05 6.17
C LEU A 182 -14.13 -4.40 6.37
N ASN A 183 -14.23 -5.20 5.32
CA ASN A 183 -14.84 -6.51 5.38
C ASN A 183 -13.89 -7.68 5.76
N TYR A 184 -12.60 -7.60 5.38
CA TYR A 184 -11.67 -8.74 5.49
C TYR A 184 -10.45 -8.52 6.38
N GLN A 185 -10.22 -7.28 6.81
CA GLN A 185 -8.99 -6.87 7.47
C GLN A 185 -7.77 -7.46 6.77
N ASN A 186 -6.91 -8.24 7.46
CA ASN A 186 -5.63 -8.76 6.91
C ASN A 186 -5.85 -9.96 5.99
N ARG A 187 -7.10 -10.45 5.92
CA ARG A 187 -7.38 -11.72 5.20
C ARG A 187 -7.52 -11.50 3.69
N ARG A 188 -6.47 -11.03 3.05
CA ARG A 188 -6.50 -10.81 1.61
C ARG A 188 -6.88 -12.06 0.80
N PRO A 189 -6.34 -13.25 1.15
CA PRO A 189 -6.77 -14.44 0.44
C PRO A 189 -8.27 -14.70 0.46
N ASP A 190 -8.95 -14.39 1.57
CA ASP A 190 -10.41 -14.53 1.64
C ASP A 190 -11.16 -13.53 0.71
N TYR A 191 -10.67 -12.31 0.66
CA TYR A 191 -11.15 -11.32 -0.33
C TYR A 191 -10.98 -11.79 -1.81
N ILE A 192 -9.80 -12.31 -2.15
CA ILE A 192 -9.56 -12.85 -3.50
C ILE A 192 -10.58 -13.97 -3.83
N GLY A 193 -10.81 -14.85 -2.84
CA GLY A 193 -11.90 -15.85 -2.90
C GLY A 193 -13.24 -15.28 -3.24
N ALA A 194 -13.60 -14.20 -2.55
CA ALA A 194 -14.89 -13.54 -2.70
C ALA A 194 -15.04 -12.89 -4.13
N PHE A 195 -13.93 -12.45 -4.73
CA PHE A 195 -13.93 -11.84 -6.07
C PHE A 195 -14.46 -12.80 -7.13
N TRP A 196 -14.14 -14.09 -6.99
CA TRP A 196 -14.66 -15.11 -7.94
C TRP A 196 -16.19 -15.17 -8.04
N ASN A 197 -16.88 -14.73 -7.01
CA ASN A 197 -18.33 -14.74 -6.98
C ASN A 197 -18.99 -13.52 -7.67
N VAL A 198 -18.23 -12.45 -7.89
CA VAL A 198 -18.72 -11.23 -8.54
C VAL A 198 -17.98 -10.86 -9.86
N VAL A 199 -16.91 -11.54 -10.22
CA VAL A 199 -16.24 -11.25 -11.52
C VAL A 199 -17.24 -11.60 -12.65
N ASP A 200 -17.32 -10.75 -13.67
CA ASP A 200 -18.30 -10.86 -14.76
C ASP A 200 -17.62 -11.50 -15.96
N TRP A 201 -17.83 -12.80 -16.15
CA TRP A 201 -17.10 -13.51 -17.22
C TRP A 201 -17.66 -13.14 -18.63
N ASN A 202 -18.91 -12.68 -18.70
CA ASN A 202 -19.47 -12.19 -20.01
C ASN A 202 -18.71 -10.92 -20.43
N ALA A 203 -18.47 -10.03 -19.46
CA ALA A 203 -17.74 -8.77 -19.69
C ALA A 203 -16.30 -9.08 -20.05
N ALA A 204 -15.71 -10.09 -19.38
CA ALA A 204 -14.32 -10.47 -19.62
C ALA A 204 -14.20 -11.01 -21.06
N GLU A 205 -15.20 -11.80 -21.45
CA GLU A 205 -15.20 -12.37 -22.82
C GLU A 205 -15.12 -11.23 -23.84
N LYS A 206 -15.93 -10.21 -23.66
CA LYS A 206 -15.90 -9.04 -24.56
C LYS A 206 -14.53 -8.32 -24.61
N ARG A 207 -13.86 -8.19 -23.47
CA ARG A 207 -12.53 -7.57 -23.45
C ARG A 207 -11.48 -8.41 -24.13
N TYR A 208 -11.64 -9.72 -24.05
CA TYR A 208 -10.76 -10.68 -24.71
C TYR A 208 -10.96 -10.59 -26.23
N GLN A 209 -12.22 -10.58 -26.65
CA GLN A 209 -12.54 -10.39 -28.06
C GLN A 209 -12.01 -9.09 -28.65
N GLU A 210 -12.00 -8.01 -27.89
CA GLU A 210 -11.57 -6.74 -28.42
C GLU A 210 -10.08 -6.52 -28.33
N ALA A 211 -9.39 -7.37 -27.58
CA ALA A 211 -7.96 -7.28 -27.38
C ALA A 211 -7.27 -8.11 -28.46
N LYS B 12 14.31 -17.68 15.51
CA LYS B 12 14.50 -17.06 16.86
C LYS B 12 14.16 -15.55 16.92
N HIS B 13 13.46 -15.04 15.92
CA HIS B 13 12.82 -13.72 16.01
C HIS B 13 11.46 -13.86 16.67
N GLU B 14 11.18 -13.00 17.65
CA GLU B 14 9.97 -13.11 18.48
C GLU B 14 9.17 -11.82 18.37
N LEU B 15 7.85 -11.91 18.58
CA LEU B 15 7.00 -10.74 18.65
C LEU B 15 7.14 -10.10 20.03
N PRO B 16 7.54 -8.84 20.05
CA PRO B 16 7.60 -8.12 21.32
C PRO B 16 6.21 -7.79 21.84
N ASN B 17 6.04 -7.82 23.16
CA ASN B 17 4.79 -7.38 23.74
C ASN B 17 4.72 -5.85 23.55
N LEU B 18 3.50 -5.34 23.43
CA LEU B 18 3.28 -3.90 23.42
C LEU B 18 3.70 -3.36 24.80
N PRO B 19 4.18 -2.11 24.87
CA PRO B 19 4.50 -1.50 26.17
C PRO B 19 3.29 -0.95 26.92
N TYR B 20 2.08 -1.17 26.43
CA TYR B 20 0.86 -0.61 27.01
C TYR B 20 -0.32 -1.51 26.63
N ALA B 21 -1.46 -1.27 27.24
CA ALA B 21 -2.66 -2.02 26.89
C ALA B 21 -3.12 -1.78 25.43
N TYR B 22 -3.95 -2.70 24.88
CA TYR B 22 -4.41 -2.57 23.47
C TYR B 22 -5.30 -1.34 23.23
N ASP B 23 -5.96 -0.87 24.28
CA ASP B 23 -6.86 0.33 24.23
C ASP B 23 -6.22 1.61 24.77
N ALA B 24 -4.93 1.56 25.06
CA ALA B 24 -4.25 2.68 25.72
C ALA B 24 -4.09 3.91 24.82
N LEU B 25 -4.15 3.72 23.49
CA LEU B 25 -4.00 4.85 22.53
C LEU B 25 -5.29 5.41 21.99
N GLU B 26 -6.40 5.02 22.59
CA GLU B 26 -7.72 5.53 22.20
C GLU B 26 -7.93 6.96 22.69
N PRO B 27 -8.69 7.78 21.94
CA PRO B 27 -9.42 7.50 20.72
C PRO B 27 -8.56 7.65 19.46
N HIS B 28 -7.26 7.90 19.62
CA HIS B 28 -6.40 8.30 18.52
C HIS B 28 -6.16 7.12 17.58
N PHE B 29 -5.70 6.00 18.15
CA PHE B 29 -5.50 4.72 17.44
C PHE B 29 -6.45 3.69 18.14
N ASP B 30 -7.35 3.07 17.38
CA ASP B 30 -8.45 2.22 17.91
C ASP B 30 -7.88 0.88 18.32
N LYS B 31 -8.50 0.27 19.33
CA LYS B 31 -8.00 -0.97 19.91
C LYS B 31 -8.11 -2.18 18.96
N GLU B 32 -9.12 -2.17 18.10
CA GLU B 32 -9.26 -3.24 17.11
C GLU B 32 -8.04 -3.25 16.19
N THR B 33 -7.69 -2.08 15.69
CA THR B 33 -6.46 -1.96 14.87
C THR B 33 -5.22 -2.37 15.66
N MET B 34 -5.04 -1.88 16.89
CA MET B 34 -3.88 -2.26 17.68
C MET B 34 -3.73 -3.78 17.77
N ASN B 35 -4.84 -4.46 18.05
CA ASN B 35 -4.87 -5.93 18.06
C ASN B 35 -4.45 -6.55 16.70
N ILE B 36 -5.15 -6.20 15.62
CA ILE B 36 -4.87 -6.85 14.33
C ILE B 36 -3.47 -6.48 13.81
N HIS B 37 -3.07 -5.22 13.95
CA HIS B 37 -1.80 -4.73 13.47
C HIS B 37 -0.62 -5.44 14.21
N HIS B 38 -0.79 -5.65 15.50
CA HIS B 38 0.27 -6.25 16.31
C HIS B 38 0.24 -7.81 16.18
N THR B 39 -0.89 -8.41 16.50
CA THR B 39 -1.01 -9.88 16.59
C THR B 39 -1.19 -10.63 15.27
N LYS B 40 -1.54 -9.91 14.19
CA LYS B 40 -1.67 -10.52 12.86
CA LYS B 40 -1.67 -10.52 12.86
C LYS B 40 -0.60 -9.98 11.91
N HIS B 41 -0.61 -8.67 11.61
CA HIS B 41 0.35 -8.13 10.66
C HIS B 41 1.80 -8.30 11.11
N HIS B 42 2.16 -7.82 12.30
CA HIS B 42 3.56 -7.87 12.76
C HIS B 42 3.98 -9.34 12.92
N ASN B 43 3.17 -10.14 13.57
CA ASN B 43 3.43 -11.57 13.72
C ASN B 43 3.68 -12.29 12.41
N THR B 44 2.93 -11.94 11.36
CA THR B 44 3.09 -12.57 10.09
C THR B 44 4.45 -12.22 9.45
N TYR B 45 4.90 -10.97 9.59
CA TYR B 45 6.24 -10.58 9.17
C TYR B 45 7.29 -11.46 9.89
N ILE B 46 7.08 -11.69 11.19
CA ILE B 46 8.02 -12.50 11.97
C ILE B 46 8.02 -13.95 11.45
N THR B 47 6.83 -14.49 11.25
CA THR B 47 6.70 -15.87 10.78
C THR B 47 7.49 -16.02 9.48
N ASN B 48 7.28 -15.08 8.58
CA ASN B 48 7.85 -15.15 7.24
C ASN B 48 9.35 -14.89 7.20
N LEU B 49 9.80 -14.03 8.11
CA LEU B 49 11.22 -13.78 8.30
C LEU B 49 11.94 -15.06 8.74
N ASN B 50 11.41 -15.70 9.77
CA ASN B 50 12.02 -16.92 10.33
C ASN B 50 12.09 -18.05 9.29
N ALA B 51 11.04 -18.18 8.47
CA ALA B 51 11.04 -19.12 7.37
C ALA B 51 12.13 -18.80 6.33
N ALA B 52 12.30 -17.54 5.97
CA ALA B 52 13.27 -17.20 4.94
C ALA B 52 14.71 -17.41 5.44
N LEU B 53 14.89 -17.28 6.76
CA LEU B 53 16.16 -17.54 7.44
C LEU B 53 16.42 -19.03 7.79
N GLU B 54 15.50 -19.93 7.48
CA GLU B 54 15.76 -21.38 7.65
C GLU B 54 16.92 -21.75 6.71
N GLY B 55 18.00 -22.27 7.30
CA GLY B 55 19.18 -22.67 6.53
C GLY B 55 20.32 -21.67 6.54
N HIS B 56 20.06 -20.49 7.12
CA HIS B 56 21.05 -19.43 7.27
C HIS B 56 21.18 -19.08 8.75
N ALA B 57 21.49 -20.11 9.56
CA ALA B 57 21.52 -19.97 11.03
C ALA B 57 22.49 -18.91 11.52
N GLU B 58 23.54 -18.70 10.73
CA GLU B 58 24.50 -17.63 10.95
C GLU B 58 23.84 -16.26 10.80
N LEU B 59 23.09 -16.05 9.71
CA LEU B 59 22.36 -14.78 9.50
C LEU B 59 21.31 -14.58 10.58
N ALA B 60 20.63 -15.67 10.95
CA ALA B 60 19.51 -15.65 11.90
C ALA B 60 19.88 -15.18 13.32
N ASP B 61 21.18 -15.12 13.64
CA ASP B 61 21.61 -14.64 14.94
C ASP B 61 21.94 -13.14 14.98
N LYS B 62 21.77 -12.42 13.86
CA LYS B 62 21.82 -10.95 13.90
C LYS B 62 20.52 -10.37 14.49
N SER B 63 20.62 -9.16 15.05
CA SER B 63 19.45 -8.34 15.39
C SER B 63 18.81 -7.93 14.08
N VAL B 64 17.50 -7.74 14.12
CA VAL B 64 16.77 -7.48 12.87
C VAL B 64 17.26 -6.16 12.29
N GLU B 65 17.57 -5.22 13.18
CA GLU B 65 18.08 -3.89 12.78
C GLU B 65 19.39 -3.97 11.97
N GLU B 66 20.35 -4.74 12.49
CA GLU B 66 21.61 -5.02 11.75
C GLU B 66 21.36 -5.79 10.44
N LEU B 67 20.45 -6.76 10.50
CA LEU B 67 20.10 -7.54 9.33
C LEU B 67 19.65 -6.64 8.16
N VAL B 68 18.80 -5.68 8.49
CA VAL B 68 18.18 -4.80 7.51
C VAL B 68 19.12 -3.68 7.06
N ALA B 69 20.00 -3.22 7.95
CA ALA B 69 21.00 -2.19 7.61
C ALA B 69 22.00 -2.68 6.53
N ASN B 70 22.27 -3.98 6.53
CA ASN B 70 23.26 -4.58 5.66
C ASN B 70 22.57 -5.61 4.77
N LEU B 71 21.51 -5.12 4.12
CA LEU B 71 20.69 -5.90 3.19
C LEU B 71 21.54 -6.45 2.06
N ASN B 72 22.45 -5.59 1.58
CA ASN B 72 23.46 -5.97 0.56
C ASN B 72 24.11 -7.37 0.74
N GLU B 73 24.39 -7.75 1.98
CA GLU B 73 25.07 -9.00 2.35
C GLU B 73 24.13 -10.20 2.56
N VAL B 74 22.84 -10.00 2.36
CA VAL B 74 21.91 -11.12 2.40
C VAL B 74 21.95 -11.85 1.05
N PRO B 75 22.14 -13.19 1.10
CA PRO B 75 22.11 -14.00 -0.13
C PRO B 75 20.94 -13.63 -1.05
N GLU B 76 21.24 -13.39 -2.32
CA GLU B 76 20.25 -12.97 -3.29
C GLU B 76 18.94 -13.79 -3.21
N ALA B 77 19.07 -15.10 -3.04
CA ALA B 77 17.90 -15.98 -3.05
C ALA B 77 16.83 -15.53 -2.05
N ILE B 78 17.26 -15.05 -0.89
CA ILE B 78 16.31 -14.69 0.19
C ILE B 78 16.24 -13.19 0.49
N ARG B 79 16.89 -12.39 -0.35
CA ARG B 79 17.01 -10.98 -0.06
C ARG B 79 15.66 -10.23 -0.03
N THR B 80 14.80 -10.48 -1.01
CA THR B 80 13.49 -9.80 -1.07
C THR B 80 12.67 -10.14 0.15
N ALA B 81 12.71 -11.40 0.55
CA ALA B 81 12.00 -11.83 1.74
C ALA B 81 12.51 -11.18 3.02
N VAL B 82 13.82 -10.94 3.09
CA VAL B 82 14.41 -10.25 4.24
C VAL B 82 14.12 -8.75 4.25
N ARG B 83 14.24 -8.13 3.08
CA ARG B 83 13.89 -6.74 2.90
C ARG B 83 12.47 -6.48 3.39
N ASN B 84 11.54 -7.32 2.93
CA ASN B 84 10.12 -7.07 3.16
C ASN B 84 9.69 -7.45 4.54
N ASN B 85 10.07 -8.65 5.00
CA ASN B 85 9.66 -9.17 6.30
C ASN B 85 10.56 -8.74 7.45
N GLY B 86 11.87 -8.72 7.19
CA GLY B 86 12.83 -8.08 8.13
C GLY B 86 12.53 -6.60 8.30
N GLY B 87 12.23 -5.92 7.20
CA GLY B 87 11.67 -4.56 7.23
C GLY B 87 10.45 -4.42 8.09
N GLY B 88 9.43 -5.25 7.85
CA GLY B 88 8.21 -5.22 8.65
C GLY B 88 8.50 -5.39 10.13
N HIS B 89 9.37 -6.35 10.48
CA HIS B 89 9.70 -6.58 11.90
C HIS B 89 10.44 -5.38 12.51
N ALA B 90 11.48 -4.90 11.84
CA ALA B 90 12.24 -3.77 12.36
C ALA B 90 11.34 -2.55 12.52
N ASN B 91 10.55 -2.25 11.47
CA ASN B 91 9.69 -1.04 11.48
C ASN B 91 8.57 -1.03 12.55
N HIS B 92 7.87 -2.14 12.69
CA HIS B 92 6.79 -2.20 13.69
C HIS B 92 7.37 -2.32 15.09
N THR B 93 8.47 -3.04 15.26
CA THR B 93 9.11 -3.08 16.58
C THR B 93 9.41 -1.65 17.07
N PHE B 94 10.12 -0.88 16.25
CA PHE B 94 10.36 0.55 16.47
C PHE B 94 9.09 1.32 16.83
N PHE B 95 8.08 1.20 15.96
CA PHE B 95 6.82 1.94 16.06
C PHE B 95 6.15 1.84 17.41
N TRP B 96 5.98 0.62 17.91
CA TRP B 96 5.26 0.44 19.14
C TRP B 96 5.95 1.23 20.27
N THR B 97 7.27 1.37 20.18
CA THR B 97 8.07 1.98 21.24
C THR B 97 8.22 3.52 21.11
N ILE B 98 7.67 4.14 20.05
CA ILE B 98 7.64 5.62 19.97
C ILE B 98 6.21 6.17 20.17
N LEU B 99 5.32 5.32 20.68
CA LEU B 99 3.97 5.71 21.01
C LEU B 99 3.79 5.50 22.50
N SER B 100 2.83 6.21 23.09
CA SER B 100 2.52 6.12 24.54
C SER B 100 1.20 6.75 24.87
N PRO B 101 0.49 6.20 25.90
CA PRO B 101 -0.71 6.86 26.41
C PRO B 101 -0.33 8.18 27.19
N ASN B 102 0.95 8.30 27.54
CA ASN B 102 1.55 9.55 28.11
C ASN B 102 2.36 10.37 27.07
N GLY B 103 2.02 10.16 25.79
CA GLY B 103 2.74 10.83 24.72
C GLY B 103 1.99 12.10 24.41
N GLY B 104 2.22 12.64 23.21
CA GLY B 104 1.65 13.91 22.81
C GLY B 104 2.43 15.11 23.31
N GLY B 105 1.92 16.29 22.97
CA GLY B 105 2.56 17.55 23.36
C GLY B 105 3.81 17.95 22.58
N GLN B 106 4.56 18.89 23.18
CA GLN B 106 5.73 19.47 22.54
C GLN B 106 6.91 18.58 22.67
N PRO B 107 7.83 18.67 21.70
CA PRO B 107 9.08 17.98 21.83
C PRO B 107 9.85 18.45 23.08
N VAL B 108 10.72 17.60 23.58
CA VAL B 108 11.55 17.90 24.75
C VAL B 108 13.03 17.73 24.44
N GLY B 109 13.88 18.22 25.35
CA GLY B 109 15.31 17.90 25.28
C GLY B 109 16.06 18.50 24.12
N GLU B 110 17.19 17.90 23.78
CA GLU B 110 18.03 18.46 22.73
C GLU B 110 17.39 18.25 21.37
N LEU B 111 16.66 17.16 21.22
CA LEU B 111 15.87 16.94 20.00
C LEU B 111 14.95 18.14 19.70
N ALA B 112 14.27 18.66 20.73
CA ALA B 112 13.38 19.82 20.57
C ALA B 112 14.11 21.02 20.01
N THR B 113 15.29 21.29 20.58
CA THR B 113 16.10 22.41 20.17
C THR B 113 16.56 22.21 18.74
N ALA B 114 16.95 20.98 18.41
CA ALA B 114 17.40 20.65 17.05
C ALA B 114 16.28 20.78 16.01
N ILE B 115 15.05 20.45 16.42
CA ILE B 115 13.89 20.55 15.53
C ILE B 115 13.65 22.02 15.23
N GLU B 116 13.64 22.83 16.28
CA GLU B 116 13.50 24.28 16.10
C GLU B 116 14.52 24.84 15.12
N ALA B 117 15.79 24.42 15.26
CA ALA B 117 16.88 24.93 14.42
C ALA B 117 16.75 24.50 12.97
N LYS B 118 16.55 23.19 12.77
CA LYS B 118 16.41 22.62 11.43
C LYS B 118 15.13 23.06 10.73
N PHE B 119 14.00 22.99 11.42
CA PHE B 119 12.71 23.25 10.76
C PHE B 119 12.15 24.63 10.99
N GLY B 120 12.74 25.40 11.90
CA GLY B 120 12.19 26.70 12.24
C GLY B 120 11.38 26.62 13.52
N SER B 121 10.38 25.74 13.55
CA SER B 121 9.53 25.54 14.71
C SER B 121 8.92 24.15 14.69
N PHE B 122 8.30 23.77 15.81
CA PHE B 122 7.66 22.44 15.92
C PHE B 122 6.45 22.35 14.97
N ASP B 123 5.66 23.41 14.89
CA ASP B 123 4.55 23.47 13.94
C ASP B 123 5.01 23.31 12.48
N ALA B 124 6.14 23.91 12.12
CA ALA B 124 6.65 23.80 10.74
C ALA B 124 7.12 22.38 10.44
N PHE B 125 7.81 21.78 11.41
CA PHE B 125 8.19 20.35 11.35
C PHE B 125 6.96 19.45 11.15
N LYS B 126 5.94 19.65 11.97
CA LYS B 126 4.75 18.83 11.86
C LYS B 126 4.21 18.92 10.45
N GLU B 127 4.23 20.13 9.90
CA GLU B 127 3.73 20.32 8.52
C GLU B 127 4.50 19.54 7.49
N GLU B 128 5.83 19.56 7.59
CA GLU B 128 6.67 18.86 6.64
C GLU B 128 6.47 17.36 6.77
N PHE B 129 6.39 16.88 8.01
CA PHE B 129 6.16 15.44 8.25
C PHE B 129 4.80 14.98 7.71
N ALA B 130 3.76 15.77 7.94
CA ALA B 130 2.42 15.46 7.43
C ALA B 130 2.36 15.47 5.90
N LYS B 131 3.09 16.38 5.28
CA LYS B 131 3.20 16.41 3.81
C LYS B 131 3.97 15.17 3.26
N ALA B 132 5.05 14.76 3.93
CA ALA B 132 5.74 13.53 3.58
C ALA B 132 4.83 12.30 3.71
N GLY B 133 4.07 12.26 4.78
CA GLY B 133 3.09 11.20 5.01
C GLY B 133 1.98 11.17 3.98
N ALA B 134 1.42 12.32 3.66
CA ALA B 134 0.30 12.39 2.73
C ALA B 134 0.70 12.01 1.30
N THR B 135 1.92 12.40 0.94
CA THR B 135 2.52 12.31 -0.40
C THR B 135 3.13 10.94 -0.76
N ARG B 136 3.29 10.08 0.22
CA ARG B 136 3.82 8.75 0.00
C ARG B 136 2.72 7.90 -0.69
N PHE B 137 2.89 7.67 -1.97
CA PHE B 137 1.81 7.09 -2.77
C PHE B 137 1.90 5.57 -2.63
N GLY B 138 0.79 4.93 -2.25
CA GLY B 138 0.78 3.49 -1.96
C GLY B 138 1.13 3.26 -0.51
N SER B 139 1.68 2.11 -0.22
CA SER B 139 2.09 1.74 1.12
C SER B 139 3.48 2.30 1.48
N GLY B 140 3.66 2.64 2.77
CA GLY B 140 4.97 3.04 3.27
C GLY B 140 4.95 3.69 4.64
N TRP B 141 6.01 4.46 4.91
CA TRP B 141 6.28 5.02 6.26
C TRP B 141 6.73 6.44 6.09
N ALA B 142 6.39 7.27 7.06
CA ALA B 142 6.95 8.61 7.16
C ALA B 142 7.88 8.64 8.38
N TRP B 143 9.01 9.37 8.25
CA TRP B 143 10.07 9.39 9.29
C TRP B 143 10.67 10.78 9.54
N LEU B 144 11.09 10.96 10.79
CA LEU B 144 12.12 11.91 11.18
C LEU B 144 13.40 11.10 11.48
N VAL B 145 14.47 11.40 10.76
CA VAL B 145 15.72 10.65 10.89
C VAL B 145 16.89 11.57 11.20
N VAL B 146 17.99 10.94 11.65
CA VAL B 146 19.32 11.55 11.74
C VAL B 146 20.18 10.99 10.60
N ASN B 147 20.66 11.86 9.72
CA ASN B 147 21.56 11.45 8.67
CA ASN B 147 21.54 11.55 8.62
C ASN B 147 22.99 11.94 8.86
C ASN B 147 22.81 12.38 8.82
N ASN B 148 23.20 13.25 8.74
N ASN B 148 23.92 11.73 9.15
CA ASN B 148 24.54 13.79 8.98
CA ASN B 148 25.18 12.44 9.27
C ASN B 148 24.99 13.38 10.37
C ASN B 148 25.11 13.51 10.36
N GLY B 149 25.03 14.34 11.29
N GLY B 149 24.37 13.22 11.44
CA GLY B 149 24.22 14.27 12.47
CA GLY B 149 24.22 14.19 12.54
C GLY B 149 23.08 15.26 12.40
N GLU B 150 22.47 15.27 11.22
CA GLU B 150 21.45 16.24 10.87
C GLU B 150 20.07 15.56 10.74
N LEU B 151 19.05 16.30 11.19
CA LEU B 151 17.64 15.89 11.10
C LEU B 151 17.10 16.05 9.67
N GLU B 152 16.42 15.01 9.22
CA GLU B 152 15.74 15.01 7.94
C GLU B 152 14.36 14.38 8.04
N VAL B 153 13.39 14.98 7.36
CA VAL B 153 12.08 14.32 7.18
C VAL B 153 12.17 13.50 5.89
N THR B 154 11.81 12.21 5.94
CA THR B 154 11.80 11.37 4.71
C THR B 154 10.53 10.48 4.68
N SER B 155 10.33 9.78 3.57
CA SER B 155 9.36 8.67 3.55
C SER B 155 9.96 7.50 2.78
N THR B 156 9.55 6.27 3.09
CA THR B 156 10.06 5.07 2.42
C THR B 156 8.86 4.22 1.93
N PRO B 157 9.04 3.52 0.78
CA PRO B 157 8.05 2.57 0.32
C PRO B 157 8.03 1.24 1.06
N ASN B 158 6.82 0.71 1.16
CA ASN B 158 6.53 -0.66 1.60
C ASN B 158 7.15 -0.84 3.00
N GLN B 159 8.04 -1.81 3.20
CA GLN B 159 8.71 -1.94 4.48
C GLN B 159 10.17 -1.58 4.39
N ASP B 160 10.58 -0.77 3.40
CA ASP B 160 11.98 -0.33 3.32
C ASP B 160 12.28 0.51 4.58
N SER B 161 13.51 0.39 5.08
CA SER B 161 13.95 1.03 6.35
C SER B 161 15.00 2.10 6.05
N PRO B 162 14.92 3.25 6.73
CA PRO B 162 16.00 4.24 6.64
C PRO B 162 17.38 3.68 7.03
N LEU B 163 17.42 2.78 8.01
CA LEU B 163 18.66 2.06 8.40
C LEU B 163 19.46 1.51 7.22
N THR B 164 18.77 1.12 6.16
CA THR B 164 19.40 0.54 4.98
C THR B 164 20.17 1.63 4.23
N GLU B 165 19.68 2.87 4.31
CA GLU B 165 20.33 4.04 3.74
C GLU B 165 21.37 4.70 4.70
N GLY B 166 21.67 4.04 5.81
CA GLY B 166 22.57 4.61 6.81
C GLY B 166 21.96 5.72 7.64
N LYS B 167 20.63 5.81 7.71
CA LYS B 167 19.94 6.88 8.43
C LYS B 167 19.27 6.28 9.67
N THR B 168 19.21 7.04 10.76
CA THR B 168 18.70 6.51 12.03
C THR B 168 17.35 7.13 12.36
N PRO B 169 16.30 6.28 12.46
CA PRO B 169 14.98 6.71 12.87
C PRO B 169 14.88 7.29 14.29
N VAL B 170 14.26 8.47 14.36
CA VAL B 170 13.96 9.16 15.62
C VAL B 170 12.47 9.04 15.94
N ILE B 171 11.61 9.42 14.99
CA ILE B 171 10.21 8.99 15.05
C ILE B 171 9.77 8.51 13.65
N GLY B 172 8.63 7.85 13.64
CA GLY B 172 8.06 7.33 12.39
C GLY B 172 6.61 6.98 12.50
N LEU B 173 5.94 6.99 11.33
CA LEU B 173 4.53 6.68 11.26
C LEU B 173 4.24 5.77 10.08
N ASP B 174 3.52 4.69 10.41
CA ASP B 174 3.08 3.67 9.43
C ASP B 174 1.91 4.27 8.64
N VAL B 175 2.13 4.48 7.35
CA VAL B 175 1.05 4.90 6.46
C VAL B 175 0.50 3.84 5.45
N TRP B 176 0.71 2.55 5.73
CA TRP B 176 -0.06 1.52 5.07
C TRP B 176 -1.53 1.70 5.50
N GLU B 177 -2.46 1.53 4.57
CA GLU B 177 -3.89 1.60 4.92
C GLU B 177 -4.35 0.73 6.11
N HIS B 178 -3.75 -0.44 6.33
CA HIS B 178 -4.13 -1.30 7.49
C HIS B 178 -3.95 -0.52 8.81
N ALA B 179 -3.03 0.44 8.82
CA ALA B 179 -2.71 1.20 10.06
C ALA B 179 -3.82 2.16 10.50
N TYR B 180 -4.65 2.58 9.54
CA TYR B 180 -5.68 3.62 9.76
C TYR B 180 -7.11 3.40 9.16
N TYR B 181 -7.30 2.38 8.32
CA TYR B 181 -8.50 2.28 7.51
C TYR B 181 -9.71 2.08 8.45
N LEU B 182 -9.57 1.27 9.52
CA LEU B 182 -10.76 0.98 10.38
C LEU B 182 -11.35 2.23 11.03
N ASN B 183 -10.49 3.15 11.49
CA ASN B 183 -10.92 4.34 12.20
C ASN B 183 -11.08 5.60 11.31
N TYR B 184 -10.31 5.69 10.22
CA TYR B 184 -10.24 6.89 9.42
C TYR B 184 -10.60 6.67 7.95
N GLN B 185 -10.77 5.43 7.52
CA GLN B 185 -10.89 5.15 6.09
C GLN B 185 -9.87 5.92 5.25
N ASN B 186 -10.31 6.67 4.23
CA ASN B 186 -9.42 7.35 3.29
C ASN B 186 -8.82 8.61 3.93
N ARG B 187 -9.24 8.94 5.15
CA ARG B 187 -8.77 10.20 5.77
C ARG B 187 -7.36 10.11 6.38
N ARG B 188 -6.34 9.88 5.54
CA ARG B 188 -4.96 9.75 6.01
C ARG B 188 -4.50 10.97 6.83
N PRO B 189 -4.76 12.22 6.32
CA PRO B 189 -4.36 13.41 7.08
C PRO B 189 -4.91 13.49 8.48
N ASP B 190 -6.16 13.07 8.70
CA ASP B 190 -6.81 13.04 10.05
C ASP B 190 -6.08 12.02 10.96
N TYR B 191 -5.75 10.85 10.40
CA TYR B 191 -4.85 9.90 11.09
C TYR B 191 -3.49 10.51 11.51
N ILE B 192 -2.78 11.14 10.57
CA ILE B 192 -1.48 11.78 10.87
C ILE B 192 -1.67 12.81 12.00
N GLY B 193 -2.77 13.56 11.95
CA GLY B 193 -3.12 14.54 13.01
C GLY B 193 -3.25 13.84 14.33
N ALA B 194 -3.90 12.67 14.34
CA ALA B 194 -4.07 11.90 15.58
C ALA B 194 -2.76 11.36 16.18
N PHE B 195 -1.79 11.06 15.31
CA PHE B 195 -0.49 10.57 15.73
C PHE B 195 0.25 11.51 16.69
N TRP B 196 -0.03 12.81 16.54
CA TRP B 196 0.68 13.81 17.39
C TRP B 196 0.30 13.72 18.83
N ASN B 197 -0.88 13.18 19.11
CA ASN B 197 -1.38 13.01 20.44
C ASN B 197 -0.89 11.75 21.16
N VAL B 198 -0.16 10.89 20.46
CA VAL B 198 0.36 9.64 21.02
C VAL B 198 1.84 9.41 20.78
N VAL B 199 2.49 10.24 19.96
CA VAL B 199 3.92 10.11 19.76
C VAL B 199 4.58 10.46 21.11
N ASP B 200 5.59 9.68 21.47
CA ASP B 200 6.26 9.81 22.79
C ASP B 200 7.56 10.57 22.59
N TRP B 201 7.53 11.87 22.89
CA TRP B 201 8.72 12.73 22.72
C TRP B 201 9.87 12.41 23.73
N ASN B 202 9.53 11.82 24.86
CA ASN B 202 10.59 11.33 25.80
C ASN B 202 11.39 10.21 25.16
N ALA B 203 10.68 9.21 24.60
CA ALA B 203 11.30 8.13 23.89
C ALA B 203 12.06 8.63 22.67
N ALA B 204 11.47 9.61 21.97
CA ALA B 204 12.14 10.18 20.81
C ALA B 204 13.48 10.82 21.17
N GLU B 205 13.49 11.57 22.28
CA GLU B 205 14.72 12.21 22.79
C GLU B 205 15.80 11.14 22.96
N LYS B 206 15.46 10.05 23.63
CA LYS B 206 16.41 8.94 23.83
C LYS B 206 16.98 8.44 22.53
N ARG B 207 16.10 8.19 21.57
CA ARG B 207 16.56 7.76 20.25
C ARG B 207 17.44 8.78 19.56
N TYR B 208 17.15 10.06 19.76
CA TYR B 208 17.99 11.13 19.21
C TYR B 208 19.36 11.14 19.89
N GLN B 209 19.34 11.19 21.22
CA GLN B 209 20.57 11.08 22.01
C GLN B 209 21.33 9.79 21.69
N GLU B 210 20.63 8.65 21.62
CA GLU B 210 21.30 7.35 21.43
C GLU B 210 21.77 7.09 19.99
N ALA B 211 21.99 8.14 19.20
CA ALA B 211 22.41 8.00 17.81
C ALA B 211 23.48 9.03 17.46
#